data_2L1F
#
_entry.id   2L1F
#
loop_
_entity.id
_entity.type
_entity.pdbx_description
1 polymer 'RNA (65-MER)'
2 polymer 'RNA (66-MER)'
#
loop_
_entity_poly.entity_id
_entity_poly.type
_entity_poly.pdbx_seq_one_letter_code
_entity_poly.pdbx_strand_id
1 'polyribonucleotide' GGCGGACCCGUGGUGGAACAGACGUGUUCGGAACACCCGGCCGCAACCCUGGGAGACGUCCCAGG A
2 'polyribonucleotide' GGCGGACCCGUGGUGGAACAGACGUGUUCGGAACACCCGGCCGCAACCCUGGGAGACGUCCCAGGG B
#